data_1IH2
# 
_entry.id   1IH2 
# 
_audit_conform.dict_name       mmcif_pdbx.dic 
_audit_conform.dict_version    5.386 
_audit_conform.dict_location   http://mmcif.pdb.org/dictionaries/ascii/mmcif_pdbx.dic 
# 
loop_
_database_2.database_id 
_database_2.database_code 
_database_2.pdbx_database_accession 
_database_2.pdbx_DOI 
PDB   1IH2         pdb_00001ih2 10.2210/pdb1ih2/pdb 
NDB   AD0021       ?            ?                   
RCSB  RCSB013258   ?            ?                   
WWPDB D_1000013258 ?            ?                   
# 
loop_
_pdbx_audit_revision_history.ordinal 
_pdbx_audit_revision_history.data_content_type 
_pdbx_audit_revision_history.major_revision 
_pdbx_audit_revision_history.minor_revision 
_pdbx_audit_revision_history.revision_date 
1 'Structure model' 1 0 2001-06-18 
2 'Structure model' 1 1 2008-04-27 
3 'Structure model' 1 2 2011-07-13 
4 'Structure model' 1 3 2017-10-04 
5 'Structure model' 1 4 2024-02-07 
# 
_pdbx_audit_revision_details.ordinal             1 
_pdbx_audit_revision_details.revision_ordinal    1 
_pdbx_audit_revision_details.data_content_type   'Structure model' 
_pdbx_audit_revision_details.provider            repository 
_pdbx_audit_revision_details.type                'Initial release' 
_pdbx_audit_revision_details.description         ? 
_pdbx_audit_revision_details.details             ? 
# 
loop_
_pdbx_audit_revision_group.ordinal 
_pdbx_audit_revision_group.revision_ordinal 
_pdbx_audit_revision_group.data_content_type 
_pdbx_audit_revision_group.group 
1 2 'Structure model' 'Version format compliance' 
2 3 'Structure model' 'Version format compliance' 
3 4 'Structure model' 'Refinement description'    
4 5 'Structure model' 'Data collection'           
5 5 'Structure model' 'Database references'       
6 5 'Structure model' 'Derived calculations'      
# 
loop_
_pdbx_audit_revision_category.ordinal 
_pdbx_audit_revision_category.revision_ordinal 
_pdbx_audit_revision_category.data_content_type 
_pdbx_audit_revision_category.category 
1 4 'Structure model' software       
2 5 'Structure model' chem_comp_atom 
3 5 'Structure model' chem_comp_bond 
4 5 'Structure model' database_2     
5 5 'Structure model' struct_conn    
# 
loop_
_pdbx_audit_revision_item.ordinal 
_pdbx_audit_revision_item.revision_ordinal 
_pdbx_audit_revision_item.data_content_type 
_pdbx_audit_revision_item.item 
1 5 'Structure model' '_database_2.pdbx_DOI'                
2 5 'Structure model' '_database_2.pdbx_database_accession' 
3 5 'Structure model' '_struct_conn.pdbx_leaving_atom_flag' 
# 
_pdbx_database_status.status_code                     REL 
_pdbx_database_status.entry_id                        1IH2 
_pdbx_database_status.recvd_initial_deposition_date   2001-04-18 
_pdbx_database_status.deposit_site                    RCSB 
_pdbx_database_status.process_site                    RCSB 
_pdbx_database_status.status_code_sf                  REL 
_pdbx_database_status.SG_entry                        . 
_pdbx_database_status.pdb_format_compatible           Y 
_pdbx_database_status.status_code_mr                  ? 
_pdbx_database_status.status_code_cs                  ? 
_pdbx_database_status.methods_development_category    ? 
_pdbx_database_status.status_code_nmr_data            ? 
# 
loop_
_pdbx_database_related.db_name 
_pdbx_database_related.db_id 
_pdbx_database_related.details 
_pdbx_database_related.content_type 
PDB 1IH1 'Crystal Structure of the B-DNA Hexamer GGCGCC Resolved to 2.0 Angstrom Resolution' unspecified 
PDB 1IH3 'Multi-Conformation Crystal Structure of GGm5CGm5CC'                                unspecified 
PDB 1IH4 'Multi-Conformation Crystal Structure of GGm5CGCC'                                  unspecified 
PDB 1IH6 'Multi-Conformation Crystal Structure of GGBr5CGCC'                                 unspecified 
# 
loop_
_audit_author.name 
_audit_author.pdbx_ordinal 
'Vargason, J.M.' 1 
'Henderson, K.'  2 
'Ho, P.S.'       3 
# 
_citation.id                        primary 
_citation.title                     'A crystallographic map of the transition from B-DNA to A-DNA.' 
_citation.journal_abbrev            Proc.Natl.Acad.Sci.USA 
_citation.journal_volume            98 
_citation.page_first                7265 
_citation.page_last                 7270 
_citation.year                      2001 
_citation.journal_id_ASTM           PNASA6 
_citation.country                   US 
_citation.journal_id_ISSN           0027-8424 
_citation.journal_id_CSD            0040 
_citation.book_publisher            ? 
_citation.pdbx_database_id_PubMed   11390969 
_citation.pdbx_database_id_DOI      10.1073/pnas.121176898 
# 
loop_
_citation_author.citation_id 
_citation_author.name 
_citation_author.ordinal 
_citation_author.identifier_ORCID 
primary 'Vargason, J.M.' 1 ? 
primary 'Henderson, K.'  2 ? 
primary 'Ho, P.S.'       3 ? 
# 
loop_
_entity.id 
_entity.type 
_entity.src_method 
_entity.pdbx_description 
_entity.formula_weight 
_entity.pdbx_number_of_molecules 
_entity.pdbx_ec 
_entity.pdbx_mutation 
_entity.pdbx_fragment 
_entity.details 
1 polymer syn "5'-D(*GP*GP*(CBR)P*GP*(CBR)P*C)-3'" 1967.997 2 ? ? ? ? 
2 water   nat water                                18.015   2 ? ? ? ? 
# 
_entity_poly.entity_id                      1 
_entity_poly.type                           polydeoxyribonucleotide 
_entity_poly.nstd_linkage                   no 
_entity_poly.nstd_monomer                   yes 
_entity_poly.pdbx_seq_one_letter_code       '(DG)(DG)(CBR)(DG)(CBR)(DC)' 
_entity_poly.pdbx_seq_one_letter_code_can   GGCGCC 
_entity_poly.pdbx_strand_id                 A,B 
_entity_poly.pdbx_target_identifier         ? 
# 
_pdbx_entity_nonpoly.entity_id   2 
_pdbx_entity_nonpoly.name        water 
_pdbx_entity_nonpoly.comp_id     HOH 
# 
loop_
_entity_poly_seq.entity_id 
_entity_poly_seq.num 
_entity_poly_seq.mon_id 
_entity_poly_seq.hetero 
1 1 DG  n 
1 2 DG  n 
1 3 CBR n 
1 4 DG  n 
1 5 CBR n 
1 6 DC  n 
# 
loop_
_chem_comp.id 
_chem_comp.type 
_chem_comp.mon_nstd_flag 
_chem_comp.name 
_chem_comp.pdbx_synonyms 
_chem_comp.formula 
_chem_comp.formula_weight 
CBR 'DNA linking' n "5-BROMO-2'-DEOXY-CYTIDINE-5'-MONOPHOSPHATE" ? 'C9 H13 Br N3 O7 P' 386.093 
DC  'DNA linking' y "2'-DEOXYCYTIDINE-5'-MONOPHOSPHATE"          ? 'C9 H14 N3 O7 P'    307.197 
DG  'DNA linking' y "2'-DEOXYGUANOSINE-5'-MONOPHOSPHATE"         ? 'C10 H14 N5 O7 P'   347.221 
HOH non-polymer   . WATER                                        ? 'H2 O'              18.015  
# 
loop_
_pdbx_poly_seq_scheme.asym_id 
_pdbx_poly_seq_scheme.entity_id 
_pdbx_poly_seq_scheme.seq_id 
_pdbx_poly_seq_scheme.mon_id 
_pdbx_poly_seq_scheme.ndb_seq_num 
_pdbx_poly_seq_scheme.pdb_seq_num 
_pdbx_poly_seq_scheme.auth_seq_num 
_pdbx_poly_seq_scheme.pdb_mon_id 
_pdbx_poly_seq_scheme.auth_mon_id 
_pdbx_poly_seq_scheme.pdb_strand_id 
_pdbx_poly_seq_scheme.pdb_ins_code 
_pdbx_poly_seq_scheme.hetero 
A 1 1 DG  1 1  1  DG  G   A . n 
A 1 2 DG  2 2  2  DG  G   A . n 
A 1 3 CBR 3 3  3  CBR BRO A . n 
A 1 4 DG  4 4  4  DG  G   A . n 
A 1 5 CBR 5 5  5  CBR BRO A . n 
A 1 6 DC  6 6  6  DC  C   A . n 
B 1 1 DG  1 7  7  DG  G   B . n 
B 1 2 DG  2 8  8  DG  G   B . n 
B 1 3 CBR 3 9  9  CBR BRO B . n 
B 1 4 DG  4 10 10 DG  G   B . n 
B 1 5 CBR 5 11 11 CBR BRO B . n 
B 1 6 DC  6 12 12 DC  C   B . n 
# 
loop_
_pdbx_nonpoly_scheme.asym_id 
_pdbx_nonpoly_scheme.entity_id 
_pdbx_nonpoly_scheme.mon_id 
_pdbx_nonpoly_scheme.ndb_seq_num 
_pdbx_nonpoly_scheme.pdb_seq_num 
_pdbx_nonpoly_scheme.auth_seq_num 
_pdbx_nonpoly_scheme.pdb_mon_id 
_pdbx_nonpoly_scheme.auth_mon_id 
_pdbx_nonpoly_scheme.pdb_strand_id 
_pdbx_nonpoly_scheme.pdb_ins_code 
C 2 HOH 1 13 13 HOH HOH A . 
C 2 HOH 2 14 14 HOH HOH A . 
# 
loop_
_software.name 
_software.classification 
_software.version 
_software.citation_id 
_software.pdbx_ordinal 
AMoRE     phasing        .   ? 1 
CNS       refinement     0.9 ? 2 
SCALEPACK 'data scaling' .   ? 3 
# 
_cell.entry_id           1IH2 
_cell.length_a           60.672 
_cell.length_b           60.672 
_cell.length_c           24.612 
_cell.angle_alpha        90.00 
_cell.angle_beta         90.00 
_cell.angle_gamma        90.00 
_cell.Z_PDB              16 
_cell.pdbx_unique_axis   ? 
# 
_symmetry.entry_id                         1IH2 
_symmetry.space_group_name_H-M             'P 43 21 2' 
_symmetry.pdbx_full_space_group_name_H-M   ? 
_symmetry.cell_setting                     ? 
_symmetry.Int_Tables_number                96 
# 
_exptl.entry_id          1IH2 
_exptl.method            'X-RAY DIFFRACTION' 
_exptl.crystals_number   1 
# 
_exptl_crystal.id                    1 
_exptl_crystal.density_meas          ? 
_exptl_crystal.density_Matthews      2.97 
_exptl_crystal.density_percent_sol   58.59 
_exptl_crystal.description           ? 
# 
_exptl_crystal_grow.crystal_id      1 
_exptl_crystal_grow.method          'VAPOR DIFFUSION, SITTING DROP' 
_exptl_crystal_grow.temp            298 
_exptl_crystal_grow.temp_details    ? 
_exptl_crystal_grow.pH              6.0 
_exptl_crystal_grow.pdbx_details    
'magnesium chloride, sodium cacodylate, spermine tetrahydrochloride, pH 6.0, VAPOR DIFFUSION, SITTING DROP, temperature 298K' 
_exptl_crystal_grow.pdbx_pH_range   ? 
# 
loop_
_exptl_crystal_grow_comp.crystal_id 
_exptl_crystal_grow_comp.id 
_exptl_crystal_grow_comp.sol_id 
_exptl_crystal_grow_comp.name 
_exptl_crystal_grow_comp.volume 
_exptl_crystal_grow_comp.conc 
_exptl_crystal_grow_comp.details 
1 1 1 'magnesium chloride'          ? ? ? 
1 2 1 'sodium cacodylate'           ? ? ? 
1 3 1 'spermine tetrahydrochloride' ? ? ? 
# 
_diffrn.id                     1 
_diffrn.ambient_temp           298 
_diffrn.ambient_temp_details   ? 
_diffrn.crystal_id             1 
# 
_diffrn_detector.diffrn_id              1 
_diffrn_detector.detector               'IMAGE PLATE' 
_diffrn_detector.type                   'RIGAKU RAXIS IV' 
_diffrn_detector.pdbx_collection_date   2000-11-01 
_diffrn_detector.details                Mirrors 
# 
_diffrn_radiation.diffrn_id                        1 
_diffrn_radiation.wavelength_id                    1 
_diffrn_radiation.pdbx_monochromatic_or_laue_m_l   M 
_diffrn_radiation.monochromator                    'Yale Mirrors' 
_diffrn_radiation.pdbx_diffrn_protocol             'SINGLE WAVELENGTH' 
_diffrn_radiation.pdbx_scattering_type             x-ray 
# 
_diffrn_radiation_wavelength.id           1 
_diffrn_radiation_wavelength.wavelength   1.5418 
_diffrn_radiation_wavelength.wt           1.0 
# 
_diffrn_source.diffrn_id                   1 
_diffrn_source.source                      'ROTATING ANODE' 
_diffrn_source.type                        'RIGAKU RU300' 
_diffrn_source.pdbx_synchrotron_site       ? 
_diffrn_source.pdbx_synchrotron_beamline   ? 
_diffrn_source.pdbx_wavelength             ? 
_diffrn_source.pdbx_wavelength_list        1.5418 
# 
_reflns.entry_id                     1IH2 
_reflns.observed_criterion_sigma_I   0.0 
_reflns.observed_criterion_sigma_F   0.0 
_reflns.d_resolution_low             99.0 
_reflns.d_resolution_high            2.8 
_reflns.number_obs                   1215 
_reflns.number_all                   1215 
_reflns.percent_possible_obs         95.2 
_reflns.pdbx_Rmerge_I_obs            0.076 
_reflns.pdbx_Rsym_value              ? 
_reflns.pdbx_netI_over_sigmaI        19.0 
_reflns.B_iso_Wilson_estimate        65.7 
_reflns.pdbx_redundancy              8.9 
_reflns.R_free_details               ? 
_reflns.pdbx_diffrn_id               1 
_reflns.pdbx_ordinal                 1 
# 
_reflns_shell.d_res_high             2.8 
_reflns_shell.d_res_low              2.9 
_reflns_shell.percent_possible_all   99.1 
_reflns_shell.Rmerge_I_obs           0.465 
_reflns_shell.pdbx_Rsym_value        ? 
_reflns_shell.meanI_over_sigI_obs    ? 
_reflns_shell.pdbx_redundancy        8.9 
_reflns_shell.percent_possible_obs   ? 
_reflns_shell.number_unique_all      ? 
_reflns_shell.pdbx_diffrn_id         ? 
_reflns_shell.pdbx_ordinal           1 
# 
_refine.entry_id                                 1IH2 
_refine.ls_number_reflns_obs                     1206 
_refine.ls_number_reflns_all                     1206 
_refine.pdbx_ls_sigma_I                          0.0 
_refine.pdbx_ls_sigma_F                          0.0 
_refine.pdbx_data_cutoff_high_absF               ? 
_refine.pdbx_data_cutoff_low_absF                ? 
_refine.ls_d_res_low                             20.0 
_refine.ls_d_res_high                            2.8 
_refine.ls_percent_reflns_obs                    ? 
_refine.ls_R_factor_obs                          0.24 
_refine.ls_R_factor_all                          0.24 
_refine.ls_R_factor_R_work                       0.211 
_refine.ls_R_factor_R_free                       0.257 
_refine.ls_R_factor_R_free_error                 ? 
_refine.ls_R_factor_R_free_error_details         ? 
_refine.ls_percent_reflns_R_free                 ? 
_refine.ls_number_reflns_R_free                  112 
_refine.ls_number_parameters                     ? 
_refine.ls_number_restraints                     ? 
_refine.occupancy_min                            ? 
_refine.occupancy_max                            ? 
_refine.B_iso_mean                               ? 
_refine.aniso_B[1][1]                            ? 
_refine.aniso_B[2][2]                            ? 
_refine.aniso_B[3][3]                            ? 
_refine.aniso_B[1][2]                            ? 
_refine.aniso_B[1][3]                            ? 
_refine.aniso_B[2][3]                            ? 
_refine.solvent_model_details                    ? 
_refine.solvent_model_param_ksol                 ? 
_refine.solvent_model_param_bsol                 ? 
_refine.pdbx_ls_cross_valid_method               ? 
_refine.details                                  ? 
_refine.pdbx_starting_model                      ? 
_refine.pdbx_method_to_determine_struct          'MOLECULAR REPLACEMENT' 
_refine.pdbx_isotropic_thermal_model             ? 
_refine.pdbx_stereochemistry_target_values       'G.Parkinson, J.Vojtechovsky, L.Clowney, A.T.Brunger, H.M.Berman' 
_refine.pdbx_stereochem_target_val_spec_case     ? 
_refine.pdbx_R_Free_selection_details            Random 
_refine.pdbx_overall_ESU_R_Free                  ? 
_refine.overall_SU_B                             ? 
_refine.ls_redundancy_reflns_obs                 ? 
_refine.correlation_coeff_Fo_to_Fc               ? 
_refine.correlation_coeff_Fo_to_Fc_free          ? 
_refine.overall_SU_R_Cruickshank_DPI             ? 
_refine.overall_SU_R_free                        ? 
_refine.overall_SU_ML                            ? 
_refine.pdbx_overall_ESU_R                       ? 
_refine.pdbx_data_cutoff_high_rms_absF           ? 
_refine.pdbx_refine_id                           'X-RAY DIFFRACTION' 
_refine.pdbx_diffrn_id                           1 
_refine.pdbx_TLS_residual_ADP_flag               ? 
_refine.pdbx_solvent_vdw_probe_radii             ? 
_refine.pdbx_solvent_ion_probe_radii             ? 
_refine.pdbx_solvent_shrinkage_radii             ? 
_refine.pdbx_overall_phase_error                 ? 
_refine.pdbx_overall_SU_R_free_Cruickshank_DPI   ? 
_refine.pdbx_overall_SU_R_Blow_DPI               ? 
_refine.pdbx_overall_SU_R_free_Blow_DPI          ? 
# 
_refine_hist.pdbx_refine_id                   'X-RAY DIFFRACTION' 
_refine_hist.cycle_id                         LAST 
_refine_hist.pdbx_number_atoms_protein        0 
_refine_hist.pdbx_number_atoms_nucleic_acid   240 
_refine_hist.pdbx_number_atoms_ligand         4 
_refine_hist.number_atoms_solvent             2 
_refine_hist.number_atoms_total               246 
_refine_hist.d_res_high                       2.8 
_refine_hist.d_res_low                        20.0 
# 
loop_
_refine_ls_restr.type 
_refine_ls_restr.dev_ideal 
_refine_ls_restr.dev_ideal_target 
_refine_ls_restr.weight 
_refine_ls_restr.number 
_refine_ls_restr.pdbx_refine_id 
_refine_ls_restr.pdbx_restraint_function 
c_bond_d    0.005 ? ? ? 'X-RAY DIFFRACTION' ? 
c_angle_deg 0.95  ? ? ? 'X-RAY DIFFRACTION' ? 
# 
_struct.entry_id                  1IH2 
_struct.title                     'Crystal Structure of GGBr5CGBr5CC' 
_struct.pdbx_model_details        ? 
_struct.pdbx_CASP_flag            ? 
_struct.pdbx_model_type_details   ? 
# 
_struct_keywords.entry_id        1IH2 
_struct_keywords.pdbx_keywords   DNA 
_struct_keywords.text            'B to A DNA transition, DNA transition, structural transition, DNA' 
# 
loop_
_struct_asym.id 
_struct_asym.pdbx_blank_PDB_chainid_flag 
_struct_asym.pdbx_modified 
_struct_asym.entity_id 
_struct_asym.details 
A N N 1 ? 
B N N 1 ? 
C N N 2 ? 
# 
_struct_ref.id                         1 
_struct_ref.entity_id                  1 
_struct_ref.db_name                    PDB 
_struct_ref.db_code                    1IH2 
_struct_ref.pdbx_db_accession          1IH2 
_struct_ref.pdbx_db_isoform            ? 
_struct_ref.pdbx_seq_one_letter_code   ? 
_struct_ref.pdbx_align_begin           ? 
# 
loop_
_struct_ref_seq.align_id 
_struct_ref_seq.ref_id 
_struct_ref_seq.pdbx_PDB_id_code 
_struct_ref_seq.pdbx_strand_id 
_struct_ref_seq.seq_align_beg 
_struct_ref_seq.pdbx_seq_align_beg_ins_code 
_struct_ref_seq.seq_align_end 
_struct_ref_seq.pdbx_seq_align_end_ins_code 
_struct_ref_seq.pdbx_db_accession 
_struct_ref_seq.db_align_beg 
_struct_ref_seq.pdbx_db_align_beg_ins_code 
_struct_ref_seq.db_align_end 
_struct_ref_seq.pdbx_db_align_end_ins_code 
_struct_ref_seq.pdbx_auth_seq_align_beg 
_struct_ref_seq.pdbx_auth_seq_align_end 
1 1 1IH2 A 1 ? 6 ? 1IH2 1 ? 6  ? 1 6  
2 1 1IH2 B 1 ? 6 ? 1IH2 7 ? 12 ? 7 12 
# 
_pdbx_struct_assembly.id                   1 
_pdbx_struct_assembly.details              author_defined_assembly 
_pdbx_struct_assembly.method_details       ? 
_pdbx_struct_assembly.oligomeric_details   dimeric 
_pdbx_struct_assembly.oligomeric_count     2 
# 
_pdbx_struct_assembly_gen.assembly_id       1 
_pdbx_struct_assembly_gen.oper_expression   1 
_pdbx_struct_assembly_gen.asym_id_list      A,B,C 
# 
_pdbx_struct_oper_list.id                   1 
_pdbx_struct_oper_list.type                 'identity operation' 
_pdbx_struct_oper_list.name                 1_555 
_pdbx_struct_oper_list.symmetry_operation   x,y,z 
_pdbx_struct_oper_list.matrix[1][1]         1.0000000000 
_pdbx_struct_oper_list.matrix[1][2]         0.0000000000 
_pdbx_struct_oper_list.matrix[1][3]         0.0000000000 
_pdbx_struct_oper_list.vector[1]            0.0000000000 
_pdbx_struct_oper_list.matrix[2][1]         0.0000000000 
_pdbx_struct_oper_list.matrix[2][2]         1.0000000000 
_pdbx_struct_oper_list.matrix[2][3]         0.0000000000 
_pdbx_struct_oper_list.vector[2]            0.0000000000 
_pdbx_struct_oper_list.matrix[3][1]         0.0000000000 
_pdbx_struct_oper_list.matrix[3][2]         0.0000000000 
_pdbx_struct_oper_list.matrix[3][3]         1.0000000000 
_pdbx_struct_oper_list.vector[3]            0.0000000000 
# 
_struct_biol.id                    1 
_struct_biol.pdbx_parent_biol_id   ? 
_struct_biol.details               ? 
# 
loop_
_struct_conn.id 
_struct_conn.conn_type_id 
_struct_conn.pdbx_leaving_atom_flag 
_struct_conn.pdbx_PDB_id 
_struct_conn.ptnr1_label_asym_id 
_struct_conn.ptnr1_label_comp_id 
_struct_conn.ptnr1_label_seq_id 
_struct_conn.ptnr1_label_atom_id 
_struct_conn.pdbx_ptnr1_label_alt_id 
_struct_conn.pdbx_ptnr1_PDB_ins_code 
_struct_conn.pdbx_ptnr1_standard_comp_id 
_struct_conn.ptnr1_symmetry 
_struct_conn.ptnr2_label_asym_id 
_struct_conn.ptnr2_label_comp_id 
_struct_conn.ptnr2_label_seq_id 
_struct_conn.ptnr2_label_atom_id 
_struct_conn.pdbx_ptnr2_label_alt_id 
_struct_conn.pdbx_ptnr2_PDB_ins_code 
_struct_conn.ptnr1_auth_asym_id 
_struct_conn.ptnr1_auth_comp_id 
_struct_conn.ptnr1_auth_seq_id 
_struct_conn.ptnr2_auth_asym_id 
_struct_conn.ptnr2_auth_comp_id 
_struct_conn.ptnr2_auth_seq_id 
_struct_conn.ptnr2_symmetry 
_struct_conn.pdbx_ptnr3_label_atom_id 
_struct_conn.pdbx_ptnr3_label_seq_id 
_struct_conn.pdbx_ptnr3_label_comp_id 
_struct_conn.pdbx_ptnr3_label_asym_id 
_struct_conn.pdbx_ptnr3_label_alt_id 
_struct_conn.pdbx_ptnr3_PDB_ins_code 
_struct_conn.details 
_struct_conn.pdbx_dist_value 
_struct_conn.pdbx_value_order 
_struct_conn.pdbx_role 
covale1  covale both ? A DG  2 "O3'" ? ? ? 1_555 A CBR 3 P  ? ? A DG  2  A CBR 3  1_555 ? ? ? ? ? ? ?            1.602 ? ? 
covale2  covale both ? A CBR 3 "O3'" ? ? ? 1_555 A DG  4 P  ? ? A CBR 3  A DG  4  1_555 ? ? ? ? ? ? ?            1.595 ? ? 
covale3  covale both ? A DG  4 "O3'" ? ? ? 1_555 A CBR 5 P  ? ? A DG  4  A CBR 5  1_555 ? ? ? ? ? ? ?            1.601 ? ? 
covale4  covale both ? A CBR 5 "O3'" ? ? ? 1_555 A DC  6 P  ? ? A CBR 5  A DC  6  1_555 ? ? ? ? ? ? ?            1.604 ? ? 
covale5  covale both ? B DG  2 "O3'" ? ? ? 1_555 B CBR 3 P  ? ? B DG  8  B CBR 9  1_555 ? ? ? ? ? ? ?            1.606 ? ? 
covale6  covale both ? B CBR 3 "O3'" ? ? ? 1_555 B DG  4 P  ? ? B CBR 9  B DG  10 1_555 ? ? ? ? ? ? ?            1.615 ? ? 
covale7  covale both ? B DG  4 "O3'" ? ? ? 1_555 B CBR 5 P  ? ? B DG  10 B CBR 11 1_555 ? ? ? ? ? ? ?            1.604 ? ? 
covale8  covale both ? B CBR 5 "O3'" ? ? ? 1_555 B DC  6 P  ? ? B CBR 11 B DC  12 1_555 ? ? ? ? ? ? ?            1.593 ? ? 
hydrog1  hydrog ?    ? A DG  1 N1    ? ? ? 1_555 B DC  6 N3 ? ? A DG  1  B DC  12 1_555 ? ? ? ? ? ? WATSON-CRICK ?     ? ? 
hydrog2  hydrog ?    ? A DG  1 N2    ? ? ? 1_555 B DC  6 O2 ? ? A DG  1  B DC  12 1_555 ? ? ? ? ? ? WATSON-CRICK ?     ? ? 
hydrog3  hydrog ?    ? A DG  1 O6    ? ? ? 1_555 B DC  6 N4 ? ? A DG  1  B DC  12 1_555 ? ? ? ? ? ? WATSON-CRICK ?     ? ? 
hydrog4  hydrog ?    ? A DG  2 N1    ? ? ? 1_555 B CBR 5 N3 ? ? A DG  2  B CBR 11 1_555 ? ? ? ? ? ? WATSON-CRICK ?     ? ? 
hydrog5  hydrog ?    ? A DG  2 N2    ? ? ? 1_555 B CBR 5 O2 ? ? A DG  2  B CBR 11 1_555 ? ? ? ? ? ? WATSON-CRICK ?     ? ? 
hydrog6  hydrog ?    ? A DG  2 O6    ? ? ? 1_555 B CBR 5 N4 ? ? A DG  2  B CBR 11 1_555 ? ? ? ? ? ? WATSON-CRICK ?     ? ? 
hydrog7  hydrog ?    ? A CBR 3 N3    ? ? ? 1_555 B DG  4 N1 ? ? A CBR 3  B DG  10 1_555 ? ? ? ? ? ? WATSON-CRICK ?     ? ? 
hydrog8  hydrog ?    ? A CBR 3 N4    ? ? ? 1_555 B DG  4 O6 ? ? A CBR 3  B DG  10 1_555 ? ? ? ? ? ? WATSON-CRICK ?     ? ? 
hydrog9  hydrog ?    ? A CBR 3 O2    ? ? ? 1_555 B DG  4 N2 ? ? A CBR 3  B DG  10 1_555 ? ? ? ? ? ? WATSON-CRICK ?     ? ? 
hydrog10 hydrog ?    ? A DG  4 N1    ? ? ? 1_555 B CBR 3 N3 ? ? A DG  4  B CBR 9  1_555 ? ? ? ? ? ? WATSON-CRICK ?     ? ? 
hydrog11 hydrog ?    ? A DG  4 N2    ? ? ? 1_555 B CBR 3 O2 ? ? A DG  4  B CBR 9  1_555 ? ? ? ? ? ? WATSON-CRICK ?     ? ? 
hydrog12 hydrog ?    ? A DG  4 O6    ? ? ? 1_555 B CBR 3 N4 ? ? A DG  4  B CBR 9  1_555 ? ? ? ? ? ? WATSON-CRICK ?     ? ? 
hydrog13 hydrog ?    ? A CBR 5 N3    ? ? ? 1_555 B DG  2 N1 ? ? A CBR 5  B DG  8  1_555 ? ? ? ? ? ? WATSON-CRICK ?     ? ? 
hydrog14 hydrog ?    ? A CBR 5 N4    ? ? ? 1_555 B DG  2 O6 ? ? A CBR 5  B DG  8  1_555 ? ? ? ? ? ? WATSON-CRICK ?     ? ? 
hydrog15 hydrog ?    ? A CBR 5 O2    ? ? ? 1_555 B DG  2 N2 ? ? A CBR 5  B DG  8  1_555 ? ? ? ? ? ? WATSON-CRICK ?     ? ? 
hydrog16 hydrog ?    ? A DC  6 N3    ? ? ? 1_555 B DG  1 N1 ? ? A DC  6  B DG  7  1_555 ? ? ? ? ? ? WATSON-CRICK ?     ? ? 
hydrog17 hydrog ?    ? A DC  6 N4    ? ? ? 1_555 B DG  1 O6 ? ? A DC  6  B DG  7  1_555 ? ? ? ? ? ? WATSON-CRICK ?     ? ? 
hydrog18 hydrog ?    ? A DC  6 O2    ? ? ? 1_555 B DG  1 N2 ? ? A DC  6  B DG  7  1_555 ? ? ? ? ? ? WATSON-CRICK ?     ? ? 
# 
loop_
_struct_conn_type.id 
_struct_conn_type.criteria 
_struct_conn_type.reference 
covale ? ? 
hydrog ? ? 
# 
loop_
_pdbx_struct_mod_residue.id 
_pdbx_struct_mod_residue.label_asym_id 
_pdbx_struct_mod_residue.label_comp_id 
_pdbx_struct_mod_residue.label_seq_id 
_pdbx_struct_mod_residue.auth_asym_id 
_pdbx_struct_mod_residue.auth_comp_id 
_pdbx_struct_mod_residue.auth_seq_id 
_pdbx_struct_mod_residue.PDB_ins_code 
_pdbx_struct_mod_residue.parent_comp_id 
_pdbx_struct_mod_residue.details 
1 A CBR 3 A CBR 3  ? DC ? 
2 A CBR 5 A CBR 5  ? DC ? 
3 B CBR 3 B CBR 9  ? DC ? 
4 B CBR 5 B CBR 11 ? DC ? 
# 
loop_
_chem_comp_atom.comp_id 
_chem_comp_atom.atom_id 
_chem_comp_atom.type_symbol 
_chem_comp_atom.pdbx_aromatic_flag 
_chem_comp_atom.pdbx_stereo_config 
_chem_comp_atom.pdbx_ordinal 
CBR BR     BR N N 1   
CBR P      P  N N 2   
CBR OP1    O  N N 3   
CBR OP2    O  N N 4   
CBR "O5'"  O  N N 5   
CBR N1     N  N N 6   
CBR C6     C  N N 7   
CBR C2     C  N N 8   
CBR O2     O  N N 9   
CBR N3     N  N N 10  
CBR C4     C  N N 11  
CBR N4     N  N N 12  
CBR C5     C  N N 13  
CBR "C2'"  C  N N 14  
CBR "C5'"  C  N N 15  
CBR "C4'"  C  N R 16  
CBR "O4'"  O  N N 17  
CBR "C1'"  C  N R 18  
CBR "C3'"  C  N S 19  
CBR "O3'"  O  N N 20  
CBR OP3    O  N N 21  
CBR HOP2   H  N N 22  
CBR H6     H  N N 23  
CBR H41    H  N N 24  
CBR H42    H  N N 25  
CBR "H2'"  H  N N 26  
CBR "H2''" H  N N 27  
CBR "H5'"  H  N N 28  
CBR "H5''" H  N N 29  
CBR "H4'"  H  N N 30  
CBR "H1'"  H  N N 31  
CBR "H3'"  H  N N 32  
CBR "HO3'" H  N N 33  
CBR HOP3   H  N N 34  
DC  OP3    O  N N 35  
DC  P      P  N N 36  
DC  OP1    O  N N 37  
DC  OP2    O  N N 38  
DC  "O5'"  O  N N 39  
DC  "C5'"  C  N N 40  
DC  "C4'"  C  N R 41  
DC  "O4'"  O  N N 42  
DC  "C3'"  C  N S 43  
DC  "O3'"  O  N N 44  
DC  "C2'"  C  N N 45  
DC  "C1'"  C  N R 46  
DC  N1     N  N N 47  
DC  C2     C  N N 48  
DC  O2     O  N N 49  
DC  N3     N  N N 50  
DC  C4     C  N N 51  
DC  N4     N  N N 52  
DC  C5     C  N N 53  
DC  C6     C  N N 54  
DC  HOP3   H  N N 55  
DC  HOP2   H  N N 56  
DC  "H5'"  H  N N 57  
DC  "H5''" H  N N 58  
DC  "H4'"  H  N N 59  
DC  "H3'"  H  N N 60  
DC  "HO3'" H  N N 61  
DC  "H2'"  H  N N 62  
DC  "H2''" H  N N 63  
DC  "H1'"  H  N N 64  
DC  H41    H  N N 65  
DC  H42    H  N N 66  
DC  H5     H  N N 67  
DC  H6     H  N N 68  
DG  OP3    O  N N 69  
DG  P      P  N N 70  
DG  OP1    O  N N 71  
DG  OP2    O  N N 72  
DG  "O5'"  O  N N 73  
DG  "C5'"  C  N N 74  
DG  "C4'"  C  N R 75  
DG  "O4'"  O  N N 76  
DG  "C3'"  C  N S 77  
DG  "O3'"  O  N N 78  
DG  "C2'"  C  N N 79  
DG  "C1'"  C  N R 80  
DG  N9     N  Y N 81  
DG  C8     C  Y N 82  
DG  N7     N  Y N 83  
DG  C5     C  Y N 84  
DG  C6     C  N N 85  
DG  O6     O  N N 86  
DG  N1     N  N N 87  
DG  C2     C  N N 88  
DG  N2     N  N N 89  
DG  N3     N  N N 90  
DG  C4     C  Y N 91  
DG  HOP3   H  N N 92  
DG  HOP2   H  N N 93  
DG  "H5'"  H  N N 94  
DG  "H5''" H  N N 95  
DG  "H4'"  H  N N 96  
DG  "H3'"  H  N N 97  
DG  "HO3'" H  N N 98  
DG  "H2'"  H  N N 99  
DG  "H2''" H  N N 100 
DG  "H1'"  H  N N 101 
DG  H8     H  N N 102 
DG  H1     H  N N 103 
DG  H21    H  N N 104 
DG  H22    H  N N 105 
HOH O      O  N N 106 
HOH H1     H  N N 107 
HOH H2     H  N N 108 
# 
loop_
_chem_comp_bond.comp_id 
_chem_comp_bond.atom_id_1 
_chem_comp_bond.atom_id_2 
_chem_comp_bond.value_order 
_chem_comp_bond.pdbx_aromatic_flag 
_chem_comp_bond.pdbx_stereo_config 
_chem_comp_bond.pdbx_ordinal 
CBR BR    C5     sing N N 1   
CBR P     OP1    doub N N 2   
CBR P     OP2    sing N N 3   
CBR P     "O5'"  sing N N 4   
CBR P     OP3    sing N N 5   
CBR OP2   HOP2   sing N N 6   
CBR "O5'" "C5'"  sing N N 7   
CBR N1    C6     sing N N 8   
CBR N1    C2     sing N N 9   
CBR N1    "C1'"  sing N N 10  
CBR C6    C5     doub N N 11  
CBR C6    H6     sing N N 12  
CBR C2    O2     doub N N 13  
CBR C2    N3     sing N N 14  
CBR N3    C4     doub N N 15  
CBR C4    N4     sing N N 16  
CBR C4    C5     sing N N 17  
CBR N4    H41    sing N N 18  
CBR N4    H42    sing N N 19  
CBR "C2'" "C1'"  sing N N 20  
CBR "C2'" "C3'"  sing N N 21  
CBR "C2'" "H2'"  sing N N 22  
CBR "C2'" "H2''" sing N N 23  
CBR "C5'" "C4'"  sing N N 24  
CBR "C5'" "H5'"  sing N N 25  
CBR "C5'" "H5''" sing N N 26  
CBR "C4'" "O4'"  sing N N 27  
CBR "C4'" "C3'"  sing N N 28  
CBR "C4'" "H4'"  sing N N 29  
CBR "O4'" "C1'"  sing N N 30  
CBR "C1'" "H1'"  sing N N 31  
CBR "C3'" "O3'"  sing N N 32  
CBR "C3'" "H3'"  sing N N 33  
CBR "O3'" "HO3'" sing N N 34  
CBR OP3   HOP3   sing N N 35  
DC  OP3   P      sing N N 36  
DC  OP3   HOP3   sing N N 37  
DC  P     OP1    doub N N 38  
DC  P     OP2    sing N N 39  
DC  P     "O5'"  sing N N 40  
DC  OP2   HOP2   sing N N 41  
DC  "O5'" "C5'"  sing N N 42  
DC  "C5'" "C4'"  sing N N 43  
DC  "C5'" "H5'"  sing N N 44  
DC  "C5'" "H5''" sing N N 45  
DC  "C4'" "O4'"  sing N N 46  
DC  "C4'" "C3'"  sing N N 47  
DC  "C4'" "H4'"  sing N N 48  
DC  "O4'" "C1'"  sing N N 49  
DC  "C3'" "O3'"  sing N N 50  
DC  "C3'" "C2'"  sing N N 51  
DC  "C3'" "H3'"  sing N N 52  
DC  "O3'" "HO3'" sing N N 53  
DC  "C2'" "C1'"  sing N N 54  
DC  "C2'" "H2'"  sing N N 55  
DC  "C2'" "H2''" sing N N 56  
DC  "C1'" N1     sing N N 57  
DC  "C1'" "H1'"  sing N N 58  
DC  N1    C2     sing N N 59  
DC  N1    C6     sing N N 60  
DC  C2    O2     doub N N 61  
DC  C2    N3     sing N N 62  
DC  N3    C4     doub N N 63  
DC  C4    N4     sing N N 64  
DC  C4    C5     sing N N 65  
DC  N4    H41    sing N N 66  
DC  N4    H42    sing N N 67  
DC  C5    C6     doub N N 68  
DC  C5    H5     sing N N 69  
DC  C6    H6     sing N N 70  
DG  OP3   P      sing N N 71  
DG  OP3   HOP3   sing N N 72  
DG  P     OP1    doub N N 73  
DG  P     OP2    sing N N 74  
DG  P     "O5'"  sing N N 75  
DG  OP2   HOP2   sing N N 76  
DG  "O5'" "C5'"  sing N N 77  
DG  "C5'" "C4'"  sing N N 78  
DG  "C5'" "H5'"  sing N N 79  
DG  "C5'" "H5''" sing N N 80  
DG  "C4'" "O4'"  sing N N 81  
DG  "C4'" "C3'"  sing N N 82  
DG  "C4'" "H4'"  sing N N 83  
DG  "O4'" "C1'"  sing N N 84  
DG  "C3'" "O3'"  sing N N 85  
DG  "C3'" "C2'"  sing N N 86  
DG  "C3'" "H3'"  sing N N 87  
DG  "O3'" "HO3'" sing N N 88  
DG  "C2'" "C1'"  sing N N 89  
DG  "C2'" "H2'"  sing N N 90  
DG  "C2'" "H2''" sing N N 91  
DG  "C1'" N9     sing N N 92  
DG  "C1'" "H1'"  sing N N 93  
DG  N9    C8     sing Y N 94  
DG  N9    C4     sing Y N 95  
DG  C8    N7     doub Y N 96  
DG  C8    H8     sing N N 97  
DG  N7    C5     sing Y N 98  
DG  C5    C6     sing N N 99  
DG  C5    C4     doub Y N 100 
DG  C6    O6     doub N N 101 
DG  C6    N1     sing N N 102 
DG  N1    C2     sing N N 103 
DG  N1    H1     sing N N 104 
DG  C2    N2     sing N N 105 
DG  C2    N3     doub N N 106 
DG  N2    H21    sing N N 107 
DG  N2    H22    sing N N 108 
DG  N3    C4     sing N N 109 
HOH O     H1     sing N N 110 
HOH O     H2     sing N N 111 
# 
_ndb_struct_conf_na.entry_id   1IH2 
_ndb_struct_conf_na.feature    'a-form double helix' 
# 
loop_
_ndb_struct_na_base_pair.model_number 
_ndb_struct_na_base_pair.i_label_asym_id 
_ndb_struct_na_base_pair.i_label_comp_id 
_ndb_struct_na_base_pair.i_label_seq_id 
_ndb_struct_na_base_pair.i_symmetry 
_ndb_struct_na_base_pair.j_label_asym_id 
_ndb_struct_na_base_pair.j_label_comp_id 
_ndb_struct_na_base_pair.j_label_seq_id 
_ndb_struct_na_base_pair.j_symmetry 
_ndb_struct_na_base_pair.shear 
_ndb_struct_na_base_pair.stretch 
_ndb_struct_na_base_pair.stagger 
_ndb_struct_na_base_pair.buckle 
_ndb_struct_na_base_pair.propeller 
_ndb_struct_na_base_pair.opening 
_ndb_struct_na_base_pair.pair_number 
_ndb_struct_na_base_pair.pair_name 
_ndb_struct_na_base_pair.i_auth_asym_id 
_ndb_struct_na_base_pair.i_auth_seq_id 
_ndb_struct_na_base_pair.i_PDB_ins_code 
_ndb_struct_na_base_pair.j_auth_asym_id 
_ndb_struct_na_base_pair.j_auth_seq_id 
_ndb_struct_na_base_pair.j_PDB_ins_code 
_ndb_struct_na_base_pair.hbond_type_28 
_ndb_struct_na_base_pair.hbond_type_12 
1 A DG  1 1_555 B DC  6 1_555 -0.929 -0.010 0.624  -1.461 0.175  3.574  1 A_DG1:DC12_B  A 1 ? B 12 ? 19 1 
1 A DG  2 1_555 B CBR 5 1_555 -0.381 -0.073 0.308  5.304  -9.228 6.991  2 A_DG2:CBR11_B A 2 ? B 11 ? 19 1 
1 A CBR 3 1_555 B DG  4 1_555 0.348  -0.223 0.704  -8.035 -5.275 2.999  3 A_CBR3:DG10_B A 3 ? B 10 ? 19 1 
1 A DG  4 1_555 B CBR 3 1_555 -0.512 -0.287 -0.056 -1.820 -1.706 4.564  4 A_DG4:CBR9_B  A 4 ? B 9  ? 19 1 
1 A CBR 5 1_555 B DG  2 1_555 0.082  -0.186 0.121  1.945  -7.613 5.190  5 A_CBR5:DG8_B  A 5 ? B 8  ? 19 1 
1 A DC  6 1_555 B DG  1 1_555 0.033  -0.046 -0.335 8.234  -9.348 -1.641 6 A_DC6:DG7_B   A 6 ? B 7  ? 19 1 
# 
loop_
_ndb_struct_na_base_pair_step.model_number 
_ndb_struct_na_base_pair_step.i_label_asym_id_1 
_ndb_struct_na_base_pair_step.i_label_comp_id_1 
_ndb_struct_na_base_pair_step.i_label_seq_id_1 
_ndb_struct_na_base_pair_step.i_symmetry_1 
_ndb_struct_na_base_pair_step.j_label_asym_id_1 
_ndb_struct_na_base_pair_step.j_label_comp_id_1 
_ndb_struct_na_base_pair_step.j_label_seq_id_1 
_ndb_struct_na_base_pair_step.j_symmetry_1 
_ndb_struct_na_base_pair_step.i_label_asym_id_2 
_ndb_struct_na_base_pair_step.i_label_comp_id_2 
_ndb_struct_na_base_pair_step.i_label_seq_id_2 
_ndb_struct_na_base_pair_step.i_symmetry_2 
_ndb_struct_na_base_pair_step.j_label_asym_id_2 
_ndb_struct_na_base_pair_step.j_label_comp_id_2 
_ndb_struct_na_base_pair_step.j_label_seq_id_2 
_ndb_struct_na_base_pair_step.j_symmetry_2 
_ndb_struct_na_base_pair_step.shift 
_ndb_struct_na_base_pair_step.slide 
_ndb_struct_na_base_pair_step.rise 
_ndb_struct_na_base_pair_step.tilt 
_ndb_struct_na_base_pair_step.roll 
_ndb_struct_na_base_pair_step.twist 
_ndb_struct_na_base_pair_step.x_displacement 
_ndb_struct_na_base_pair_step.y_displacement 
_ndb_struct_na_base_pair_step.helical_rise 
_ndb_struct_na_base_pair_step.inclination 
_ndb_struct_na_base_pair_step.tip 
_ndb_struct_na_base_pair_step.helical_twist 
_ndb_struct_na_base_pair_step.step_number 
_ndb_struct_na_base_pair_step.step_name 
_ndb_struct_na_base_pair_step.i_auth_asym_id_1 
_ndb_struct_na_base_pair_step.i_auth_seq_id_1 
_ndb_struct_na_base_pair_step.i_PDB_ins_code_1 
_ndb_struct_na_base_pair_step.j_auth_asym_id_1 
_ndb_struct_na_base_pair_step.j_auth_seq_id_1 
_ndb_struct_na_base_pair_step.j_PDB_ins_code_1 
_ndb_struct_na_base_pair_step.i_auth_asym_id_2 
_ndb_struct_na_base_pair_step.i_auth_seq_id_2 
_ndb_struct_na_base_pair_step.i_PDB_ins_code_2 
_ndb_struct_na_base_pair_step.j_auth_asym_id_2 
_ndb_struct_na_base_pair_step.j_auth_seq_id_2 
_ndb_struct_na_base_pair_step.j_PDB_ins_code_2 
1 A DG  1 1_555 B DC  6 1_555 A DG  2 1_555 B CBR 5 1_555 0.239  -1.482 3.052 2.101  8.191 34.634 -3.477 -0.120 2.653 13.511 
-3.466 35.620 1 AA_DG1DG2:CBR11DC12_BB  A 1 ? B 12 ? A 2 ? B 11 ? 
1 A DG  2 1_555 B CBR 5 1_555 A CBR 3 1_555 B DG  4 1_555 0.461  -1.821 3.675 -2.209 1.359 34.096 -3.334 -1.170 3.566 2.313  3.760 
34.192 2 AA_DG2CBR3:DG10CBR11_BB A 2 ? B 11 ? A 3 ? B 10 ? 
1 A CBR 3 1_555 B DG  4 1_555 A DG  4 1_555 B CBR 3 1_555 -0.545 -2.523 3.043 2.032  0.497 23.538 -6.314 1.951  2.933 1.215  
-4.968 23.630 3 AA_CBR3DG4:CBR9DG10_BB  A 3 ? B 10 ? A 4 ? B 9  ? 
1 A DG  4 1_555 B CBR 3 1_555 A CBR 5 1_555 B DG  2 1_555 -0.972 -1.723 3.321 -2.668 0.131 33.155 -3.033 1.241  3.380 0.228  4.667 
33.259 4 AA_DG4CBR5:DG8CBR9_BB   A 4 ? B 9  ? A 5 ? B 8  ? 
1 A CBR 5 1_555 B DG  2 1_555 A DC  6 1_555 B DG  1 1_555 0.322  -1.878 3.221 3.767  3.799 26.677 -4.900 0.216  2.947 8.129  
-8.060 27.199 5 AA_CBR5DC6:DG7DG8_BB    A 5 ? B 8  ? A 6 ? B 7  ? 
# 
_atom_sites.entry_id                    1IH2 
_atom_sites.fract_transf_matrix[1][1]   0.01226106 
_atom_sites.fract_transf_matrix[1][2]   -0.00565856 
_atom_sites.fract_transf_matrix[1][3]   0.00945006 
_atom_sites.fract_transf_matrix[2][1]   -0.00570949 
_atom_sites.fract_transf_matrix[2][2]   -0.01535775 
_atom_sites.fract_transf_matrix[2][3]   -0.00178817 
_atom_sites.fract_transf_matrix[3][1]   0.02322038 
_atom_sites.fract_transf_matrix[3][2]   -0.00479068 
_atom_sites.fract_transf_matrix[3][3]   -0.03299608 
_atom_sites.fract_transf_vector[1]      0.888635 
_atom_sites.fract_transf_vector[2]      0.350742 
_atom_sites.fract_transf_vector[3]      0.135636 
# 
loop_
_atom_type.symbol 
BR 
C  
N  
O  
P  
# 
loop_
_atom_site.group_PDB 
_atom_site.id 
_atom_site.type_symbol 
_atom_site.label_atom_id 
_atom_site.label_alt_id 
_atom_site.label_comp_id 
_atom_site.label_asym_id 
_atom_site.label_entity_id 
_atom_site.label_seq_id 
_atom_site.pdbx_PDB_ins_code 
_atom_site.Cartn_x 
_atom_site.Cartn_y 
_atom_site.Cartn_z 
_atom_site.occupancy 
_atom_site.B_iso_or_equiv 
_atom_site.pdbx_formal_charge 
_atom_site.auth_seq_id 
_atom_site.auth_comp_id 
_atom_site.auth_asym_id 
_atom_site.auth_atom_id 
_atom_site.pdbx_PDB_model_num 
ATOM   1   O  "O5'" . DG  A 1 1 ? 3.669   6.968   10.417  1.00 83.91 ? 1  DG  A "O5'" 1 
ATOM   2   C  "C5'" . DG  A 1 1 ? 4.397   6.993   11.652  1.00 85.16 ? 1  DG  A "C5'" 1 
ATOM   3   C  "C4'" . DG  A 1 1 ? 5.506   5.968   11.653  1.00 85.07 ? 1  DG  A "C4'" 1 
ATOM   4   O  "O4'" . DG  A 1 1 ? 5.061   4.751   12.297  1.00 85.05 ? 1  DG  A "O4'" 1 
ATOM   5   C  "C3'" . DG  A 1 1 ? 5.938   5.533   10.258  1.00 84.99 ? 1  DG  A "C3'" 1 
ATOM   6   O  "O3'" . DG  A 1 1 ? 6.909   6.430   9.710   1.00 84.23 ? 1  DG  A "O3'" 1 
ATOM   7   C  "C2'" . DG  A 1 1 ? 6.511   4.156   10.524  1.00 86.42 ? 1  DG  A "C2'" 1 
ATOM   8   C  "C1'" . DG  A 1 1 ? 5.538   3.615   11.573  1.00 86.07 ? 1  DG  A "C1'" 1 
ATOM   9   N  N9    . DG  A 1 1 ? 4.381   2.931   10.992  1.00 86.13 ? 1  DG  A N9    1 
ATOM   10  C  C8    . DG  A 1 1 ? 3.087   3.392   10.940  1.00 86.06 ? 1  DG  A C8    1 
ATOM   11  N  N7    . DG  A 1 1 ? 2.270   2.571   10.336  1.00 85.42 ? 1  DG  A N7    1 
ATOM   12  C  C5    . DG  A 1 1 ? 3.070   1.501   9.969   1.00 85.05 ? 1  DG  A C5    1 
ATOM   13  C  C6    . DG  A 1 1 ? 2.742   0.316   9.280   1.00 84.55 ? 1  DG  A C6    1 
ATOM   14  O  O6    . DG  A 1 1 ? 1.643   -0.042  8.849   1.00 84.14 ? 1  DG  A O6    1 
ATOM   15  N  N1    . DG  A 1 1 ? 3.855   -0.497  9.109   1.00 84.81 ? 1  DG  A N1    1 
ATOM   16  C  C2    . DG  A 1 1 ? 5.122   -0.211  9.552   1.00 84.72 ? 1  DG  A C2    1 
ATOM   17  N  N2    . DG  A 1 1 ? 6.062   -1.127  9.293   1.00 84.81 ? 1  DG  A N2    1 
ATOM   18  N  N3    . DG  A 1 1 ? 5.442   0.891   10.202  1.00 85.00 ? 1  DG  A N3    1 
ATOM   19  C  C4    . DG  A 1 1 ? 4.376   1.700   10.373  1.00 85.49 ? 1  DG  A C4    1 
ATOM   20  P  P     . DG  A 1 2 ? 6.987   6.638   8.117   1.00 83.95 ? 2  DG  A P     1 
ATOM   21  O  OP1   . DG  A 1 2 ? 8.040   7.642   7.840   1.00 85.20 ? 2  DG  A OP1   1 
ATOM   22  O  OP2   . DG  A 1 2 ? 5.609   6.867   7.611   1.00 82.66 ? 2  DG  A OP2   1 
ATOM   23  O  "O5'" . DG  A 1 2 ? 7.510   5.233   7.584   1.00 82.64 ? 2  DG  A "O5'" 1 
ATOM   24  C  "C5'" . DG  A 1 2 ? 8.761   4.709   8.030   1.00 80.74 ? 2  DG  A "C5'" 1 
ATOM   25  C  "C4'" . DG  A 1 2 ? 9.033   3.380   7.365   1.00 79.83 ? 2  DG  A "C4'" 1 
ATOM   26  O  "O4'" . DG  A 1 2 ? 8.157   2.362   7.901   1.00 80.27 ? 2  DG  A "O4'" 1 
ATOM   27  C  "C3'" . DG  A 1 2 ? 8.763   3.368   5.867   1.00 78.94 ? 2  DG  A "C3'" 1 
ATOM   28  O  "O3'" . DG  A 1 2 ? 9.903   3.817   5.140   1.00 77.43 ? 2  DG  A "O3'" 1 
ATOM   29  C  "C2'" . DG  A 1 2 ? 8.504   1.902   5.598   1.00 80.40 ? 2  DG  A "C2'" 1 
ATOM   30  C  "C1'" . DG  A 1 2 ? 7.754   1.472   6.857   1.00 80.29 ? 2  DG  A "C1'" 1 
ATOM   31  N  N9    . DG  A 1 2 ? 6.299   1.546   6.722   1.00 78.98 ? 2  DG  A N9    1 
ATOM   32  C  C8    . DG  A 1 2 ? 5.482   2.603   7.053   1.00 78.15 ? 2  DG  A C8    1 
ATOM   33  N  N7    . DG  A 1 2 ? 4.220   2.365   6.823   1.00 76.70 ? 2  DG  A N7    1 
ATOM   34  C  C5    . DG  A 1 2 ? 4.201   1.078   6.308   1.00 76.29 ? 2  DG  A C5    1 
ATOM   35  C  C6    . DG  A 1 2 ? 3.120   0.288   5.877   1.00 75.70 ? 2  DG  A C6    1 
ATOM   36  O  O6    . DG  A 1 2 ? 1.920   0.568   5.867   1.00 75.40 ? 2  DG  A O6    1 
ATOM   37  N  N1    . DG  A 1 2 ? 3.544   -0.951  5.422   1.00 75.55 ? 2  DG  A N1    1 
ATOM   38  C  C2    . DG  A 1 2 ? 4.845   -1.378  5.390   1.00 75.76 ? 2  DG  A C2    1 
ATOM   39  N  N2    . DG  A 1 2 ? 5.049   -2.616  4.919   1.00 75.83 ? 2  DG  A N2    1 
ATOM   40  N  N3    . DG  A 1 2 ? 5.867   -0.649  5.791   1.00 76.11 ? 2  DG  A N3    1 
ATOM   41  C  C4    . DG  A 1 2 ? 5.475   0.561   6.236   1.00 77.02 ? 2  DG  A C4    1 
HETATM 42  BR BR    . CBR A 1 3 ? 4.340   3.959   4.054   1.00 94.26 ? 3  CBR A BR    1 
HETATM 43  P  P     . CBR A 1 3 ? 9.793   4.001   3.553   1.00 76.11 ? 3  CBR A P     1 
HETATM 44  O  OP1   . CBR A 1 3 ? 11.055  4.594   3.042   1.00 76.22 ? 3  CBR A OP1   1 
HETATM 45  O  OP2   . CBR A 1 3 ? 8.493   4.662   3.267   1.00 73.99 ? 3  CBR A OP2   1 
HETATM 46  O  "O5'" . CBR A 1 3 ? 9.705   2.512   3.013   1.00 75.50 ? 3  CBR A "O5'" 1 
HETATM 47  N  N1    . CBR A 1 3 ? 5.487   0.460   2.371   1.00 79.90 ? 3  CBR A N1    1 
HETATM 48  C  C6    . CBR A 1 3 ? 5.496   1.656   3.016   1.00 82.99 ? 3  CBR A C6    1 
HETATM 49  C  C2    . CBR A 1 3 ? 4.297   -0.068  1.879   1.00 80.16 ? 3  CBR A C2    1 
HETATM 50  O  O2    . CBR A 1 3 ? 4.325   -1.153  1.296   1.00 79.60 ? 3  CBR A O2    1 
HETATM 51  N  N3    . CBR A 1 3 ? 3.148   0.617   2.050   1.00 81.06 ? 3  CBR A N3    1 
HETATM 52  C  C4    . CBR A 1 3 ? 3.168   1.789   2.681   1.00 83.46 ? 3  CBR A C4    1 
HETATM 53  N  N4    . CBR A 1 3 ? 2.010   2.439   2.826   1.00 82.55 ? 3  CBR A N4    1 
HETATM 54  C  C5    . CBR A 1 3 ? 4.376   2.348   3.192   1.00 84.78 ? 3  CBR A C5    1 
HETATM 55  C  "C2'" . CBR A 1 3 ? 7.050   -0.604  0.737   1.00 75.93 ? 3  CBR A "C2'" 1 
HETATM 56  C  "C5'" . CBR A 1 3 ? 9.187   2.253   1.720   1.00 75.03 ? 3  CBR A "C5'" 1 
HETATM 57  C  "C4'" . CBR A 1 3 ? 8.715   0.823   1.625   1.00 73.89 ? 3  CBR A "C4'" 1 
HETATM 58  O  "O4'" . CBR A 1 3 ? 7.789   0.524   2.689   1.00 75.21 ? 3  CBR A "O4'" 1 
HETATM 59  C  "C1'" . CBR A 1 3 ? 6.731   -0.288  2.192   1.00 77.92 ? 3  CBR A "C1'" 1 
HETATM 60  C  "C3'" . CBR A 1 3 ? 7.947   0.548   0.345   1.00 72.92 ? 3  CBR A "C3'" 1 
HETATM 61  O  "O3'" . CBR A 1 3 ? 8.863   0.160   -0.668  1.00 70.24 ? 3  CBR A "O3'" 1 
ATOM   62  P  P     . DG  A 1 4 ? 8.636   0.672   -2.162  1.00 69.90 ? 4  DG  A P     1 
ATOM   63  O  OP1   . DG  A 1 4 ? 9.839   0.310   -2.956  1.00 69.64 ? 4  DG  A OP1   1 
ATOM   64  O  OP2   . DG  A 1 4 ? 8.215   2.089   -2.054  1.00 70.68 ? 4  DG  A OP2   1 
ATOM   65  O  "O5'" . DG  A 1 4 ? 7.382   -0.164  -2.681  1.00 67.25 ? 4  DG  A "O5'" 1 
ATOM   66  C  "C5'" . DG  A 1 4 ? 7.515   -1.547  -2.983  1.00 61.46 ? 4  DG  A "C5'" 1 
ATOM   67  C  "C4'" . DG  A 1 4 ? 6.169   -2.164  -3.284  1.00 57.53 ? 4  DG  A "C4'" 1 
ATOM   68  O  "O4'" . DG  A 1 4 ? 5.270   -1.952  -2.182  1.00 54.07 ? 4  DG  A "O4'" 1 
ATOM   69  C  "C3'" . DG  A 1 4 ? 5.401   -1.637  -4.486  1.00 56.26 ? 4  DG  A "C3'" 1 
ATOM   70  O  "O3'" . DG  A 1 4 ? 5.874   -2.260  -5.679  1.00 60.16 ? 4  DG  A "O3'" 1 
ATOM   71  C  "C2'" . DG  A 1 4 ? 3.998   -2.125  -4.183  1.00 52.83 ? 4  DG  A "C2'" 1 
ATOM   72  C  "C1'" . DG  A 1 4 ? 3.937   -2.073  -2.658  1.00 51.41 ? 4  DG  A "C1'" 1 
ATOM   73  N  N9    . DG  A 1 4 ? 3.161   -0.964  -2.119  1.00 49.40 ? 4  DG  A N9    1 
ATOM   74  C  C8    . DG  A 1 4 ? 3.624   0.166   -1.487  1.00 48.75 ? 4  DG  A C8    1 
ATOM   75  N  N7    . DG  A 1 4 ? 2.664   0.968   -1.110  1.00 49.21 ? 4  DG  A N7    1 
ATOM   76  C  C5    . DG  A 1 4 ? 1.500   0.328   -1.521  1.00 48.60 ? 4  DG  A C5    1 
ATOM   77  C  C6    . DG  A 1 4 ? 0.133   0.709   -1.390  1.00 48.53 ? 4  DG  A C6    1 
ATOM   78  O  O6    . DG  A 1 4 ? -0.342  1.724   -0.862  1.00 47.87 ? 4  DG  A O6    1 
ATOM   79  N  N1    . DG  A 1 4 ? -0.715  -0.239  -1.947  1.00 48.34 ? 4  DG  A N1    1 
ATOM   80  C  C2    . DG  A 1 4 ? -0.310  -1.405  -2.545  1.00 48.10 ? 4  DG  A C2    1 
ATOM   81  N  N2    . DG  A 1 4 ? -1.276  -2.206  -2.999  1.00 49.83 ? 4  DG  A N2    1 
ATOM   82  N  N3    . DG  A 1 4 ? 0.948   -1.767  -2.681  1.00 47.87 ? 4  DG  A N3    1 
ATOM   83  C  C4    . DG  A 1 4 ? 1.792   -0.863  -2.147  1.00 48.59 ? 4  DG  A C4    1 
HETATM 84  BR BR    . CBR A 1 5 ? 2.615   1.411   -4.898  1.00 68.99 ? 5  CBR A BR    1 
HETATM 85  P  P     . CBR A 1 5 ? 5.245   -1.844  -7.092  1.00 62.20 ? 5  CBR A P     1 
HETATM 86  O  OP1   . CBR A 1 5 ? 5.849   -2.678  -8.155  1.00 63.00 ? 5  CBR A OP1   1 
HETATM 87  O  OP2   . CBR A 1 5 ? 5.343   -0.365  -7.169  1.00 63.59 ? 5  CBR A OP2   1 
HETATM 88  O  "O5'" . CBR A 1 5 ? 3.727   -2.292  -6.971  1.00 60.98 ? 5  CBR A "O5'" 1 
HETATM 89  N  N1    . CBR A 1 5 ? -0.037  -1.351  -6.276  1.00 65.00 ? 5  CBR A N1    1 
HETATM 90  C  C6    . CBR A 1 5 ? 1.126   -0.708  -5.953  1.00 63.58 ? 5  CBR A C6    1 
HETATM 91  C  C2    . CBR A 1 5 ? -1.262  -0.738  -6.046  1.00 64.53 ? 5  CBR A C2    1 
HETATM 92  O  O2    . CBR A 1 5 ? -2.297  -1.325  -6.406  1.00 64.41 ? 5  CBR A O2    1 
HETATM 93  N  N3    . CBR A 1 5 ? -1.296  0.474   -5.451  1.00 63.54 ? 5  CBR A N3    1 
HETATM 94  C  C4    . CBR A 1 5 ? -0.162  1.078   -5.111  1.00 62.96 ? 5  CBR A C4    1 
HETATM 95  N  N4    . CBR A 1 5 ? -0.245  2.260   -4.506  1.00 61.97 ? 5  CBR A N4    1 
HETATM 96  C  C5    . CBR A 1 5 ? 1.105   0.495   -5.371  1.00 62.83 ? 5  CBR A C5    1 
HETATM 97  C  "C2'" . CBR A 1 5 ? 0.044   -2.788  -8.366  1.00 68.15 ? 5  CBR A "C2'" 1 
HETATM 98  C  "C5'" . CBR A 1 5 ? 3.393   -3.668  -7.023  1.00 63.60 ? 5  CBR A "C5'" 1 
HETATM 99  C  "C4'" . CBR A 1 5 ? 1.944   -3.828  -7.412  1.00 66.99 ? 5  CBR A "C4'" 1 
HETATM 100 O  "O4'" . CBR A 1 5 ? 1.100   -3.395  -6.324  1.00 67.04 ? 5  CBR A "O4'" 1 
HETATM 101 C  "C1'" . CBR A 1 5 ? -0.037  -2.711  -6.842  1.00 66.64 ? 5  CBR A "C1'" 1 
HETATM 102 C  "C3'" . CBR A 1 5 ? 1.532   -2.963  -8.596  1.00 68.97 ? 5  CBR A "C3'" 1 
HETATM 103 O  "O3'" . CBR A 1 5 ? 1.814   -3.623  -9.834  1.00 70.48 ? 5  CBR A "O3'" 1 
ATOM   104 P  P     . DC  A 1 6 ? 1.622   -2.826  -11.212 1.00 71.31 ? 6  DC  A P     1 
ATOM   105 O  OP1   . DC  A 1 6 ? 2.038   -3.714  -12.329 1.00 71.11 ? 6  DC  A OP1   1 
ATOM   106 O  OP2   . DC  A 1 6 ? 2.260   -1.486  -11.061 1.00 70.68 ? 6  DC  A OP2   1 
ATOM   107 O  "O5'" . DC  A 1 6 ? 0.042   -2.638  -11.280 1.00 69.64 ? 6  DC  A "O5'" 1 
ATOM   108 C  "C5'" . DC  A 1 6 ? -0.544  -1.575  -12.027 1.00 66.87 ? 6  DC  A "C5'" 1 
ATOM   109 C  "C4'" . DC  A 1 6 ? -1.950  -1.320  -11.536 1.00 63.93 ? 6  DC  A "C4'" 1 
ATOM   110 O  "O4'" . DC  A 1 6 ? -1.910  -0.895  -10.160 1.00 61.05 ? 6  DC  A "O4'" 1 
ATOM   111 C  "C3'" . DC  A 1 6 ? -2.686  -0.203  -12.262 1.00 63.10 ? 6  DC  A "C3'" 1 
ATOM   112 O  "O3'" . DC  A 1 6 ? -3.278  -0.803  -13.417 1.00 65.23 ? 6  DC  A "O3'" 1 
ATOM   113 C  "C2'" . DC  A 1 6 ? -3.706  0.243   -11.232 1.00 59.85 ? 6  DC  A "C2'" 1 
ATOM   114 C  "C1'" . DC  A 1 6 ? -2.994  -0.006  -9.905  1.00 57.63 ? 6  DC  A "C1'" 1 
ATOM   115 N  N1    . DC  A 1 6 ? -2.455  1.175   -9.211  1.00 53.86 ? 6  DC  A N1    1 
ATOM   116 C  C2    . DC  A 1 6 ? -3.346  2.064   -8.593  1.00 52.34 ? 6  DC  A C2    1 
ATOM   117 O  O2    . DC  A 1 6 ? -4.565  1.876   -8.717  1.00 53.02 ? 6  DC  A O2    1 
ATOM   118 N  N3    . DC  A 1 6 ? -2.855  3.103   -7.879  1.00 50.52 ? 6  DC  A N3    1 
ATOM   119 C  C4    . DC  A 1 6 ? -1.536  3.274   -7.775  1.00 50.35 ? 6  DC  A C4    1 
ATOM   120 N  N4    . DC  A 1 6 ? -1.095  4.276   -7.014  1.00 49.88 ? 6  DC  A N4    1 
ATOM   121 C  C5    . DC  A 1 6 ? -0.608  2.415   -8.435  1.00 51.12 ? 6  DC  A C5    1 
ATOM   122 C  C6    . DC  A 1 6 ? -1.106  1.388   -9.138  1.00 52.36 ? 6  DC  A C6    1 
ATOM   123 O  "O5'" . DG  B 1 1 ? -7.492  10.106  -2.598  1.00 72.03 ? 7  DG  B "O5'" 1 
ATOM   124 C  "C5'" . DG  B 1 1 ? -8.820  10.495  -2.974  1.00 71.30 ? 7  DG  B "C5'" 1 
ATOM   125 C  "C4'" . DG  B 1 1 ? -9.439  9.571   -3.999  1.00 70.20 ? 7  DG  B "C4'" 1 
ATOM   126 O  "O4'" . DG  B 1 1 ? -8.739  9.698   -5.255  1.00 68.89 ? 7  DG  B "O4'" 1 
ATOM   127 C  "C3'" . DG  B 1 1 ? -9.340  8.090   -3.653  1.00 70.25 ? 7  DG  B "C3'" 1 
ATOM   128 O  "O3'" . DG  B 1 1 ? -10.418 7.675   -2.816  1.00 70.37 ? 7  DG  B "O3'" 1 
ATOM   129 C  "C2'" . DG  B 1 1 ? -9.371  7.436   -5.018  1.00 67.68 ? 7  DG  B "C2'" 1 
ATOM   130 C  "C1'" . DG  B 1 1 ? -8.491  8.403   -5.800  1.00 66.31 ? 7  DG  B "C1'" 1 
ATOM   131 N  N9    . DG  B 1 1 ? -7.061  8.138   -5.650  1.00 62.84 ? 7  DG  B N9    1 
ATOM   132 C  C8    . DG  B 1 1 ? -6.145  8.896   -4.957  1.00 61.19 ? 7  DG  B C8    1 
ATOM   133 N  N7    . DG  B 1 1 ? -4.936  8.407   -5.003  1.00 60.00 ? 7  DG  B N7    1 
ATOM   134 C  C5    . DG  B 1 1 ? -5.060  7.258   -5.771  1.00 59.94 ? 7  DG  B C5    1 
ATOM   135 C  C6    . DG  B 1 1 ? -4.086  6.311   -6.158  1.00 59.99 ? 7  DG  B C6    1 
ATOM   136 O  O6    . DG  B 1 1 ? -2.873  6.304   -5.897  1.00 59.89 ? 7  DG  B O6    1 
ATOM   137 N  N1    . DG  B 1 1 ? -4.645  5.293   -6.931  1.00 60.38 ? 7  DG  B N1    1 
ATOM   138 C  C2    . DG  B 1 1 ? -5.974  5.206   -7.289  1.00 60.39 ? 7  DG  B C2    1 
ATOM   139 N  N2    . DG  B 1 1 ? -6.328  4.155   -8.046  1.00 59.25 ? 7  DG  B N2    1 
ATOM   140 N  N3    . DG  B 1 1 ? -6.890  6.087   -6.933  1.00 60.51 ? 7  DG  B N3    1 
ATOM   141 C  C4    . DG  B 1 1 ? -6.367  7.079   -6.179  1.00 60.94 ? 7  DG  B C4    1 
ATOM   142 P  P     . DG  B 1 2 ? -10.144 6.602   -1.657  1.00 69.69 ? 8  DG  B P     1 
ATOM   143 O  OP1   . DG  B 1 2 ? -11.403 6.504   -0.876  1.00 69.88 ? 8  DG  B OP1   1 
ATOM   144 O  OP2   . DG  B 1 2 ? -8.868  6.970   -0.969  1.00 65.51 ? 8  DG  B OP2   1 
ATOM   145 O  "O5'" . DG  B 1 2 ? -9.967  5.246   -2.470  1.00 66.68 ? 8  DG  B "O5'" 1 
ATOM   146 C  "C5'" . DG  B 1 2 ? -11.021 4.784   -3.311  1.00 64.37 ? 8  DG  B "C5'" 1 
ATOM   147 C  "C4'" . DG  B 1 2 ? -10.629 3.504   -4.016  1.00 63.63 ? 8  DG  B "C4'" 1 
ATOM   148 O  "O4'" . DG  B 1 2 ? -9.603  3.758   -4.999  1.00 61.23 ? 8  DG  B "O4'" 1 
ATOM   149 C  "C3'" . DG  B 1 2 ? -10.047 2.404   -3.139  1.00 63.49 ? 8  DG  B "C3'" 1 
ATOM   150 O  "O3'" . DG  B 1 2 ? -11.082 1.656   -2.496  1.00 64.52 ? 8  DG  B "O3'" 1 
ATOM   151 C  "C2'" . DG  B 1 2 ? -9.305  1.564   -4.159  1.00 60.95 ? 8  DG  B "C2'" 1 
ATOM   152 C  "C1'" . DG  B 1 2 ? -8.728  2.636   -5.074  1.00 57.44 ? 8  DG  B "C1'" 1 
ATOM   153 N  N9    . DG  B 1 2 ? -7.417  3.083   -4.629  1.00 54.24 ? 8  DG  B N9    1 
ATOM   154 C  C8    . DG  B 1 2 ? -7.127  4.210   -3.900  1.00 53.37 ? 8  DG  B C8    1 
ATOM   155 N  N7    . DG  B 1 2 ? -5.854  4.334   -3.636  1.00 52.84 ? 8  DG  B N7    1 
ATOM   156 C  C5    . DG  B 1 2 ? -5.274  3.225   -4.233  1.00 51.78 ? 8  DG  B C5    1 
ATOM   157 C  C6    . DG  B 1 2 ? -3.924  2.816   -4.277  1.00 50.97 ? 8  DG  B C6    1 
ATOM   158 O  O6    . DG  B 1 2 ? -2.930  3.386   -3.805  1.00 50.64 ? 8  DG  B O6    1 
ATOM   159 N  N1    . DG  B 1 2 ? -3.783  1.613   -4.964  1.00 50.47 ? 8  DG  B N1    1 
ATOM   160 C  C2    . DG  B 1 2 ? -4.813  0.907   -5.545  1.00 50.89 ? 8  DG  B C2    1 
ATOM   161 N  N2    . DG  B 1 2 ? -4.487  -0.236  -6.161  1.00 51.79 ? 8  DG  B N2    1 
ATOM   162 N  N3    . DG  B 1 2 ? -6.072  1.290   -5.524  1.00 51.28 ? 8  DG  B N3    1 
ATOM   163 C  C4    . DG  B 1 2 ? -6.229  2.445   -4.851  1.00 52.60 ? 8  DG  B C4    1 
HETATM 164 BR BR    . CBR B 1 3 ? -6.070  3.132   -0.244  1.00 68.03 ? 9  CBR B BR    1 
HETATM 165 P  P     . CBR B 1 3 ? -10.838 1.082   -1.017  1.00 66.66 ? 9  CBR B P     1 
HETATM 166 O  OP1   . CBR B 1 3 ? -12.093 0.376   -0.633  1.00 65.16 ? 9  CBR B OP1   1 
HETATM 167 O  OP2   . CBR B 1 3 ? -10.302 2.172   -0.143  1.00 64.66 ? 9  CBR B OP2   1 
HETATM 168 O  "O5'" . CBR B 1 3 ? -9.669  0.017   -1.237  1.00 64.35 ? 9  CBR B "O5'" 1 
HETATM 169 N  N1    . CBR B 1 3 ? -5.518  -0.373  -2.221  1.00 56.67 ? 9  CBR B N1    1 
HETATM 170 C  C6    . CBR B 1 3 ? -6.107  0.707   -1.629  1.00 57.34 ? 9  CBR B C6    1 
HETATM 171 C  C2    . CBR B 1 3 ? -4.139  -0.479  -2.276  1.00 56.50 ? 9  CBR B C2    1 
HETATM 172 O  O2    . CBR B 1 3 ? -3.650  -1.455  -2.857  1.00 56.33 ? 9  CBR B O2    1 
HETATM 173 N  N3    . CBR B 1 3 ? -3.373  0.474   -1.706  1.00 55.84 ? 9  CBR B N3    1 
HETATM 174 C  C4    . CBR B 1 3 ? -3.951  1.511   -1.108  1.00 56.99 ? 9  CBR B C4    1 
HETATM 175 N  N4    . CBR B 1 3 ? -3.166  2.422   -0.542  1.00 55.92 ? 9  CBR B N4    1 
HETATM 176 C  C5    . CBR B 1 3 ? -5.363  1.661   -1.063  1.00 58.05 ? 9  CBR B C5    1 
HETATM 177 C  "C2'" . CBR B 1 3 ? -6.443  -2.603  -1.776  1.00 59.41 ? 9  CBR B "C2'" 1 
HETATM 178 C  "C5'" . CBR B 1 3 ? -9.860  -1.075  -2.129  1.00 61.16 ? 9  CBR B "C5'" 1 
HETATM 179 C  "C4'" . CBR B 1 3 ? -8.566  -1.822  -2.357  1.00 59.64 ? 9  CBR B "C4'" 1 
HETATM 180 O  "O4'" . CBR B 1 3 ? -7.620  -0.990  -3.059  1.00 58.52 ? 9  CBR B "O4'" 1 
HETATM 181 C  "C1'" . CBR B 1 3 ? -6.305  -1.468  -2.785  1.00 57.71 ? 9  CBR B "C1'" 1 
HETATM 182 C  "C3'" . CBR B 1 3 ? -7.786  -2.305  -1.141  1.00 60.07 ? 9  CBR B "C3'" 1 
HETATM 183 O  "O3'" . CBR B 1 3 ? -8.342  -3.509  -0.592  1.00 59.91 ? 9  CBR B "O3'" 1 
ATOM   184 P  P     . DG  B 1 4 ? -7.995  -3.939  0.925   1.00 59.60 ? 10 DG  B P     1 
ATOM   185 O  OP1   . DG  B 1 4 ? -8.849  -5.128  1.198   1.00 59.05 ? 10 DG  B OP1   1 
ATOM   186 O  OP2   . DG  B 1 4 ? -8.080  -2.743  1.817   1.00 55.71 ? 10 DG  B OP2   1 
ATOM   187 O  "O5'" . DG  B 1 4 ? -6.465  -4.399  0.880   1.00 55.67 ? 10 DG  B "O5'" 1 
ATOM   188 C  "C5'" . DG  B 1 4 ? -6.051  -5.473  0.039   1.00 48.15 ? 10 DG  B "C5'" 1 
ATOM   189 C  "C4'" . DG  B 1 4 ? -4.542  -5.558  -0.035  1.00 43.75 ? 10 DG  B "C4'" 1 
ATOM   190 O  "O4'" . DG  B 1 4 ? -3.978  -4.320  -0.511  1.00 42.85 ? 10 DG  B "O4'" 1 
ATOM   191 C  "C3'" . DG  B 1 4 ? -3.773  -5.847  1.248   1.00 39.95 ? 10 DG  B "C3'" 1 
ATOM   192 O  "O3'" . DG  B 1 4 ? -3.789  -7.252  1.487   1.00 37.84 ? 10 DG  B "O3'" 1 
ATOM   193 C  "C2'" . DG  B 1 4 ? -2.372  -5.423  0.853   1.00 40.04 ? 10 DG  B "C2'" 1 
ATOM   194 C  "C1'" . DG  B 1 4 ? -2.616  -4.255  -0.106  1.00 41.33 ? 10 DG  B "C1'" 1 
ATOM   195 N  N9    . DG  B 1 4 ? -2.392  -2.967  0.528   1.00 41.28 ? 10 DG  B N9    1 
ATOM   196 C  C8    . DG  B 1 4 ? -3.332  -2.091  1.013   1.00 41.02 ? 10 DG  B C8    1 
ATOM   197 N  N7    . DG  B 1 4 ? -2.804  -1.049  1.593   1.00 40.65 ? 10 DG  B N7    1 
ATOM   198 C  C5    . DG  B 1 4 ? -1.436  -1.246  1.466   1.00 41.15 ? 10 DG  B C5    1 
ATOM   199 C  C6    . DG  B 1 4 ? -0.349  -0.464  1.917   1.00 41.34 ? 10 DG  B C6    1 
ATOM   200 O  O6    . DG  B 1 4 ? -0.370  0.592   2.552   1.00 43.33 ? 10 DG  B O6    1 
ATOM   201 N  N1    . DG  B 1 4 ? 0.865   -1.033  1.567   1.00 40.47 ? 10 DG  B N1    1 
ATOM   202 C  C2    . DG  B 1 4 ? 1.016   -2.201  0.882   1.00 40.83 ? 10 DG  B C2    1 
ATOM   203 N  N2    . DG  B 1 4 ? 2.265   -2.578  0.641   1.00 42.84 ? 10 DG  B N2    1 
ATOM   204 N  N3    . DG  B 1 4 ? 0.017   -2.945  0.465   1.00 41.27 ? 10 DG  B N3    1 
ATOM   205 C  C4    . DG  B 1 4 ? -1.172  -2.412  0.791   1.00 41.22 ? 10 DG  B C4    1 
HETATM 206 BR BR    . CBR B 1 5 ? -2.465  -3.481  4.174   1.00 43.56 ? 11 CBR B BR    1 
HETATM 207 P  P     . CBR B 1 5 ? -3.210  -7.844  2.860   1.00 35.39 ? 11 CBR B P     1 
HETATM 208 O  OP1   . CBR B 1 5 ? -3.364  -9.319  2.793   1.00 35.41 ? 11 CBR B OP1   1 
HETATM 209 O  OP2   . CBR B 1 5 ? -3.829  -7.091  3.982   1.00 35.70 ? 11 CBR B OP2   1 
HETATM 210 O  "O5'" . CBR B 1 5 ? -1.650  -7.516  2.796   1.00 34.60 ? 11 CBR B "O5'" 1 
HETATM 211 N  N1    . CBR B 1 5 ? 1.264   -4.841  3.276   1.00 37.74 ? 11 CBR B N1    1 
HETATM 212 C  C6    . CBR B 1 5 ? -0.097  -4.710  3.321   1.00 39.18 ? 11 CBR B C6    1 
HETATM 213 C  C2    . CBR B 1 5 ? 2.081   -3.898  3.869   1.00 38.97 ? 11 CBR B C2    1 
HETATM 214 O  O2    . CBR B 1 5 ? 3.308   -4.067  3.819   1.00 39.22 ? 11 CBR B O2    1 
HETATM 215 N  N3    . CBR B 1 5 ? 1.522   -2.834  4.490   1.00 40.39 ? 11 CBR B N3    1 
HETATM 216 C  C4    . CBR B 1 5 ? 0.192   -2.719  4.543   1.00 40.35 ? 11 CBR B C4    1 
HETATM 217 N  N4    . CBR B 1 5 ? -0.331  -1.660  5.160   1.00 39.32 ? 11 CBR B N4    1 
HETATM 218 C  C5    . CBR B 1 5 ? -0.663  -3.684  3.967   1.00 40.06 ? 11 CBR B C5    1 
HETATM 219 C  "C2'" . CBR B 1 5 ? 2.297   -7.041  3.645   1.00 31.89 ? 11 CBR B "C2'" 1 
HETATM 220 C  "C5'" . CBR B 1 5 ? -0.795  -8.268  1.947   1.00 30.68 ? 11 CBR B "C5'" 1 
HETATM 221 C  "C4'" . CBR B 1 5 ? 0.650   -7.912  2.202   1.00 31.11 ? 11 CBR B "C4'" 1 
HETATM 222 O  "O4'" . CBR B 1 5 ? 0.931   -6.572  1.766   1.00 33.73 ? 11 CBR B "O4'" 1 
HETATM 223 C  "C1'" . CBR B 1 5 ? 1.896   -5.983  2.627   1.00 34.46 ? 11 CBR B "C1'" 1 
HETATM 224 C  "C3'" . CBR B 1 5 ? 1.070   -7.927  3.660   1.00 31.07 ? 11 CBR B "C3'" 1 
HETATM 225 O  "O3'" . CBR B 1 5 ? 1.425   -9.252  4.033   1.00 31.07 ? 11 CBR B "O3'" 1 
ATOM   226 P  P     . DC  B 1 6 ? 1.291   -9.695  5.558   1.00 29.85 ? 12 DC  B P     1 
ATOM   227 O  OP1   . DC  B 1 6 ? 1.495   -11.154 5.635   1.00 34.68 ? 12 DC  B OP1   1 
ATOM   228 O  OP2   . DC  B 1 6 ? 0.033   -9.108  6.075   1.00 32.68 ? 12 DC  B OP2   1 
ATOM   229 O  "O5'" . DC  B 1 6 ? 2.520   -8.973  6.251   1.00 29.55 ? 12 DC  B "O5'" 1 
ATOM   230 C  "C5'" . DC  B 1 6 ? 3.845   -9.303  5.887   1.00 28.55 ? 12 DC  B "C5'" 1 
ATOM   231 C  "C4'" . DC  B 1 6 ? 4.806   -8.453  6.679   1.00 31.83 ? 12 DC  B "C4'" 1 
ATOM   232 O  "O4'" . DC  B 1 6 ? 4.744   -7.081  6.232   1.00 32.65 ? 12 DC  B "O4'" 1 
ATOM   233 C  "C3'" . DC  B 1 6 ? 4.481   -8.386  8.160   1.00 30.83 ? 12 DC  B "C3'" 1 
ATOM   234 O  "O3'" . DC  B 1 6 ? 4.939   -9.583  8.783   1.00 35.14 ? 12 DC  B "O3'" 1 
ATOM   235 C  "C2'" . DC  B 1 6 ? 5.151   -7.091  8.566   1.00 30.73 ? 12 DC  B "C2'" 1 
ATOM   236 C  "C1'" . DC  B 1 6 ? 4.918   -6.209  7.339   1.00 31.61 ? 12 DC  B "C1'" 1 
ATOM   237 N  N1    . DC  B 1 6 ? 3.713   -5.378  7.429   1.00 34.24 ? 12 DC  B N1    1 
ATOM   238 C  C2    . DC  B 1 6 ? 3.802   -4.131  8.036   1.00 35.77 ? 12 DC  B C2    1 
ATOM   239 O  O2    . DC  B 1 6 ? 4.907   -3.742  8.447   1.00 36.64 ? 12 DC  B O2    1 
ATOM   240 N  N3    . DC  B 1 6 ? 2.689   -3.374  8.155   1.00 36.18 ? 12 DC  B N3    1 
ATOM   241 C  C4    . DC  B 1 6 ? 1.528   -3.817  7.673   1.00 36.19 ? 12 DC  B C4    1 
ATOM   242 N  N4    . DC  B 1 6 ? 0.457   -3.033  7.812   1.00 37.42 ? 12 DC  B N4    1 
ATOM   243 C  C5    . DC  B 1 6 ? 1.413   -5.080  7.030   1.00 34.56 ? 12 DC  B C5    1 
ATOM   244 C  C6    . DC  B 1 6 ? 2.519   -5.821  6.932   1.00 34.64 ? 12 DC  B C6    1 
HETATM 245 O  O     . HOH C 2 . ? 3.496   4.643   1.611   1.00 24.00 ? 13 HOH A O     1 
HETATM 246 O  O     . HOH C 2 . ? 2.721   0.071   -15.377 1.00 52.08 ? 14 HOH A O     1 
# 
